data_6AN5
#
_entry.id   6AN5
#
_cell.length_a   97.210
_cell.length_b   97.210
_cell.length_c   103.690
_cell.angle_alpha   90.000
_cell.angle_beta   90.000
_cell.angle_gamma   120.000
#
_symmetry.space_group_name_H-M   'P 31 2 1'
#
_entity_poly.entity_id   1
_entity_poly.type   'polypeptide(L)'
_entity_poly.pdbx_seq_one_letter_code
;IRVFDVWKKYKYYKKPQDRLKEIIFRKPFHEELWVLKGINLEIEKGEVLGIVGPNGAGKSTLLKVITGVTEPDKGFVERS
GKVVGLLELGTGFNYELSGLENIYVNASLLGLSRREIDEKLESIIEFSELDDFINKPLKTYSSGMIMRLAFSIAIHTEPE
CFIIDEALAVGDAHFQQKCFRKLKEHKQKGGSIIFVSHDMNAVKILCDRAILLHKGEIIEEGSPETVTQAYYKLKLHHHH
HH
;
_entity_poly.pdbx_strand_id   A,B
#
# COMPACT_ATOMS: atom_id res chain seq x y z
N ILE A 1 14.86 21.04 2.91
CA ILE A 1 15.89 21.62 2.06
C ILE A 1 17.30 21.29 2.51
N ARG A 2 17.63 21.67 3.74
CA ARG A 2 19.00 21.66 4.24
C ARG A 2 19.09 20.79 5.49
N VAL A 3 20.03 19.85 5.48
CA VAL A 3 20.31 18.94 6.58
C VAL A 3 21.73 19.24 7.05
N PHE A 4 21.89 19.56 8.34
CA PHE A 4 23.17 20.01 8.89
C PHE A 4 23.57 19.09 10.04
N ASP A 5 24.63 18.32 9.84
CA ASP A 5 25.28 17.51 10.87
C ASP A 5 24.26 16.76 11.72
N VAL A 6 23.29 16.16 11.04
CA VAL A 6 22.21 15.43 11.73
C VAL A 6 22.71 14.07 12.19
N TRP A 7 22.29 13.67 13.40
CA TRP A 7 22.67 12.41 14.02
C TRP A 7 21.45 11.75 14.63
N LYS A 8 21.37 10.44 14.53
CA LYS A 8 20.25 9.65 15.05
C LYS A 8 20.75 8.30 15.55
N LYS A 9 20.36 7.95 16.78
CA LYS A 9 20.75 6.71 17.44
C LYS A 9 19.52 6.00 17.99
N TYR A 10 19.73 4.80 18.51
CA TYR A 10 18.65 3.99 19.08
C TYR A 10 19.13 3.06 20.19
N LEU A 33 23.67 2.25 19.16
CA LEU A 33 24.15 2.51 17.80
C LEU A 33 23.53 3.74 17.17
N TRP A 34 24.30 4.41 16.30
CA TRP A 34 23.86 5.62 15.63
C TRP A 34 23.49 5.29 14.19
N VAL A 35 22.21 5.47 13.85
CA VAL A 35 21.75 5.17 12.50
C VAL A 35 22.42 6.10 11.49
N LEU A 36 22.55 7.38 11.84
CA LEU A 36 23.10 8.40 10.97
C LEU A 36 24.26 9.07 11.68
N LYS A 37 25.41 9.17 11.01
CA LYS A 37 26.62 9.77 11.58
C LYS A 37 27.14 10.84 10.64
N GLY A 38 27.19 12.08 11.12
CA GLY A 38 27.71 13.21 10.37
C GLY A 38 27.11 13.41 8.99
N ILE A 39 25.78 13.39 8.90
CA ILE A 39 25.10 13.55 7.61
C ILE A 39 24.85 15.03 7.34
N ASN A 40 25.48 15.52 6.27
CA ASN A 40 25.23 16.86 5.77
C ASN A 40 24.68 16.70 4.36
N LEU A 41 23.52 17.32 4.12
CA LEU A 41 22.85 17.18 2.84
C LEU A 41 22.04 18.44 2.60
N GLU A 42 21.83 18.76 1.32
CA GLU A 42 20.98 19.87 0.92
C GLU A 42 20.20 19.47 -0.30
N ILE A 43 18.91 19.80 -0.32
CA ILE A 43 18.07 19.60 -1.49
C ILE A 43 17.67 20.98 -1.98
N GLU A 44 18.10 21.33 -3.19
CA GLU A 44 17.76 22.64 -3.72
C GLU A 44 16.42 22.58 -4.43
N LYS A 45 15.87 23.75 -4.71
CA LYS A 45 14.58 23.83 -5.36
C LYS A 45 14.69 23.37 -6.82
N GLY A 46 13.57 22.87 -7.35
CA GLY A 46 13.55 22.41 -8.73
C GLY A 46 14.49 21.24 -8.98
N GLU A 47 14.72 20.41 -7.97
CA GLU A 47 15.72 19.35 -8.06
C GLU A 47 15.07 17.99 -7.88
N VAL A 48 15.57 17.00 -8.64
CA VAL A 48 15.19 15.61 -8.46
C VAL A 48 16.42 14.90 -7.91
N LEU A 49 16.36 14.51 -6.64
CA LEU A 49 17.50 13.97 -5.92
C LEU A 49 17.24 12.49 -5.66
N GLY A 50 18.23 11.66 -5.97
CA GLY A 50 18.13 10.22 -5.79
C GLY A 50 18.98 9.78 -4.62
N ILE A 51 18.38 8.97 -3.75
CA ILE A 51 19.07 8.39 -2.61
C ILE A 51 19.18 6.89 -2.83
N VAL A 52 20.42 6.41 -2.96
CA VAL A 52 20.71 5.01 -3.27
C VAL A 52 21.61 4.48 -2.18
N GLY A 53 21.46 3.20 -1.86
CA GLY A 53 22.29 2.54 -0.88
C GLY A 53 21.75 1.17 -0.53
N PRO A 54 22.47 0.43 0.33
CA PRO A 54 21.92 -0.82 0.83
C PRO A 54 20.67 -0.56 1.66
N ASN A 55 19.77 -1.55 1.69
CA ASN A 55 18.55 -1.40 2.47
C ASN A 55 18.86 -1.18 3.95
N GLY A 56 19.90 -1.87 4.45
CA GLY A 56 20.34 -1.76 5.83
C GLY A 56 21.12 -0.50 6.16
N ALA A 57 21.53 0.28 5.16
CA ALA A 57 22.31 1.48 5.43
C ALA A 57 21.58 2.46 6.35
N GLY A 58 20.25 2.44 6.34
CA GLY A 58 19.46 3.32 7.15
C GLY A 58 18.73 4.42 6.40
N LYS A 59 18.47 4.23 5.09
CA LYS A 59 17.84 5.29 4.30
C LYS A 59 16.53 5.75 4.92
N SER A 60 15.74 4.81 5.45
CA SER A 60 14.44 5.19 6.01
C SER A 60 14.59 6.19 7.16
N THR A 61 15.55 5.95 8.06
CA THR A 61 15.76 6.87 9.17
C THR A 61 16.22 8.25 8.69
N LEU A 62 17.01 8.30 7.61
CA LEU A 62 17.42 9.59 7.06
C LEU A 62 16.22 10.38 6.53
N LEU A 63 15.34 9.71 5.78
CA LEU A 63 14.16 10.41 5.27
C LEU A 63 13.27 10.88 6.40
N LYS A 64 13.14 10.06 7.46
CA LYS A 64 12.27 10.42 8.57
C LYS A 64 12.76 11.67 9.30
N VAL A 65 14.07 11.84 9.42
CA VAL A 65 14.56 13.09 10.03
C VAL A 65 14.27 14.27 9.09
N ILE A 66 14.33 14.04 7.78
CA ILE A 66 14.01 15.11 6.82
C ILE A 66 12.55 15.50 6.91
N THR A 67 11.64 14.52 6.83
CA THR A 67 10.22 14.84 6.90
C THR A 67 9.83 15.40 8.26
N GLY A 68 10.60 15.08 9.29
CA GLY A 68 10.39 15.63 10.61
C GLY A 68 9.70 14.72 11.61
N VAL A 69 9.34 13.51 11.19
CA VAL A 69 8.68 12.58 12.11
C VAL A 69 9.65 12.12 13.20
N THR A 70 10.95 12.07 12.89
CA THR A 70 11.96 11.65 13.85
C THR A 70 12.84 12.85 14.17
N GLU A 71 13.16 13.00 15.45
CA GLU A 71 13.96 14.16 15.85
C GLU A 71 15.44 13.80 15.78
N PRO A 72 16.27 14.64 15.19
CA PRO A 72 17.70 14.35 15.16
C PRO A 72 18.30 14.42 16.56
N ASP A 73 19.10 13.41 16.91
CA ASP A 73 19.72 13.37 18.23
C ASP A 73 20.75 14.48 18.40
N LYS A 74 21.57 14.71 17.37
CA LYS A 74 22.55 15.78 17.40
C LYS A 74 22.51 16.49 16.06
N GLY A 75 22.71 17.80 16.07
CA GLY A 75 22.59 18.58 14.85
C GLY A 75 21.15 18.98 14.55
N PHE A 76 20.97 19.67 13.43
CA PHE A 76 19.65 20.18 13.10
C PHE A 76 19.44 20.12 11.59
N VAL A 77 18.15 20.14 11.23
CA VAL A 77 17.70 20.22 9.84
C VAL A 77 16.65 21.32 9.79
N GLU A 78 16.76 22.21 8.80
CA GLU A 78 15.78 23.27 8.63
C GLU A 78 15.13 23.09 7.26
N ARG A 79 13.80 23.03 7.26
CA ARG A 79 13.03 22.82 6.05
C ARG A 79 12.08 23.98 5.89
N SER A 80 11.95 24.45 4.64
CA SER A 80 11.08 25.58 4.39
C SER A 80 9.60 25.21 4.53
N GLY A 81 9.24 23.99 4.12
CA GLY A 81 7.85 23.55 4.12
C GLY A 81 7.73 22.06 4.46
N LYS A 82 6.50 21.58 4.42
CA LYS A 82 6.20 20.19 4.72
C LYS A 82 6.78 19.28 3.64
N VAL A 83 7.07 18.03 4.00
CA VAL A 83 7.55 17.03 3.06
C VAL A 83 6.56 15.86 3.04
N VAL A 84 6.18 15.43 1.84
CA VAL A 84 5.21 14.36 1.66
C VAL A 84 5.92 13.11 1.19
N GLY A 85 5.74 12.01 1.91
CA GLY A 85 6.33 10.73 1.59
C GLY A 85 5.32 9.62 1.83
N LEU A 86 5.77 8.39 1.58
CA LEU A 86 4.88 7.24 1.75
C LEU A 86 4.32 7.17 3.16
N LEU A 87 5.14 7.51 4.16
CA LEU A 87 4.70 7.53 5.55
C LEU A 87 3.53 8.50 5.75
N GLU A 88 3.58 9.68 5.12
CA GLU A 88 2.45 10.61 5.21
C GLU A 88 1.25 10.17 4.38
N LEU A 89 1.48 9.53 3.22
CA LEU A 89 0.39 9.20 2.31
C LEU A 89 -0.76 8.49 2.99
N GLY A 90 -1.96 9.02 2.80
CA GLY A 90 -3.17 8.47 3.37
C GLY A 90 -3.23 8.49 4.89
N THR A 91 -2.47 9.35 5.54
CA THR A 91 -2.47 9.39 6.99
C THR A 91 -3.83 9.83 7.52
N GLY A 92 -4.25 9.19 8.61
CA GLY A 92 -5.49 9.58 9.25
C GLY A 92 -6.74 9.10 8.57
N PHE A 93 -6.65 8.24 7.55
CA PHE A 93 -7.86 7.77 6.88
C PHE A 93 -8.73 7.02 7.88
N ASN A 94 -10.04 7.26 7.81
CA ASN A 94 -11.02 6.47 8.56
C ASN A 94 -11.98 5.87 7.55
N TYR A 95 -12.01 4.54 7.51
CA TYR A 95 -12.76 3.85 6.46
C TYR A 95 -14.25 4.05 6.62
N GLU A 96 -14.73 4.21 7.86
CA GLU A 96 -16.14 4.49 8.06
C GLU A 96 -16.56 5.81 7.41
N LEU A 97 -15.67 6.79 7.38
CA LEU A 97 -15.97 8.06 6.73
C LEU A 97 -15.99 7.89 5.21
N SER A 98 -16.67 8.84 4.54
CA SER A 98 -16.74 8.85 3.09
C SER A 98 -15.41 9.28 2.49
N GLY A 99 -15.23 8.99 1.20
CA GLY A 99 -14.05 9.47 0.50
C GLY A 99 -13.95 10.98 0.55
N LEU A 100 -15.09 11.66 0.37
CA LEU A 100 -15.13 13.11 0.45
C LEU A 100 -14.75 13.59 1.85
N GLU A 101 -15.27 12.91 2.87
CA GLU A 101 -14.90 13.23 4.25
C GLU A 101 -13.42 12.96 4.48
N ASN A 102 -12.93 11.83 3.97
CA ASN A 102 -11.51 11.48 4.14
C ASN A 102 -10.59 12.48 3.48
N ILE A 103 -11.01 13.12 2.38
CA ILE A 103 -10.15 14.13 1.76
C ILE A 103 -9.82 15.20 2.78
N TYR A 104 -10.82 15.63 3.55
CA TYR A 104 -10.61 16.72 4.48
C TYR A 104 -9.64 16.31 5.59
N VAL A 105 -9.83 15.12 6.17
CA VAL A 105 -8.96 14.71 7.27
C VAL A 105 -7.52 14.50 6.78
N ASN A 106 -7.35 13.88 5.61
CA ASN A 106 -5.98 13.67 5.11
C ASN A 106 -5.33 14.98 4.72
N ALA A 107 -6.03 15.83 3.98
CA ALA A 107 -5.45 17.10 3.55
C ALA A 107 -5.19 18.03 4.73
N SER A 108 -6.07 18.01 5.74
CA SER A 108 -5.86 18.84 6.93
C SER A 108 -4.61 18.41 7.69
N LEU A 109 -4.37 17.10 7.79
CA LEU A 109 -3.14 16.63 8.43
C LEU A 109 -1.90 17.04 7.64
N LEU A 110 -2.02 17.10 6.31
CA LEU A 110 -0.93 17.52 5.44
C LEU A 110 -0.73 19.03 5.43
N GLY A 111 -1.49 19.78 6.21
CA GLY A 111 -1.29 21.21 6.38
C GLY A 111 -2.16 22.11 5.53
N LEU A 112 -2.99 21.55 4.64
CA LEU A 112 -3.85 22.39 3.83
C LEU A 112 -4.92 23.05 4.69
N SER A 113 -5.18 24.33 4.42
CA SER A 113 -6.18 25.06 5.17
C SER A 113 -7.58 24.70 4.67
N ARG A 114 -8.59 24.99 5.49
CA ARG A 114 -9.96 24.72 5.08
C ARG A 114 -10.29 25.41 3.77
N ARG A 115 -9.84 26.66 3.59
CA ARG A 115 -10.05 27.35 2.31
C ARG A 115 -9.33 26.64 1.18
N GLU A 116 -8.09 26.19 1.40
CA GLU A 116 -7.33 25.53 0.35
C GLU A 116 -8.01 24.25 -0.10
N ILE A 117 -8.54 23.46 0.84
CA ILE A 117 -9.16 22.19 0.49
C ILE A 117 -10.31 22.41 -0.49
N ASP A 118 -11.16 23.42 -0.24
CA ASP A 118 -12.32 23.64 -1.11
C ASP A 118 -11.87 24.06 -2.52
N GLU A 119 -10.85 24.91 -2.61
CA GLU A 119 -10.33 25.28 -3.93
C GLU A 119 -9.80 24.04 -4.66
N LYS A 120 -9.14 23.15 -3.93
CA LYS A 120 -8.55 21.95 -4.50
C LYS A 120 -9.45 20.71 -4.40
N LEU A 121 -10.56 20.77 -3.67
CA LEU A 121 -11.41 19.57 -3.55
C LEU A 121 -11.92 19.13 -4.92
N GLU A 122 -12.31 20.09 -5.77
CA GLU A 122 -12.79 19.76 -7.10
C GLU A 122 -11.70 19.10 -7.93
N SER A 123 -10.51 19.71 -7.95
CA SER A 123 -9.40 19.14 -8.72
C SER A 123 -8.97 17.79 -8.16
N ILE A 124 -8.97 17.63 -6.83
CA ILE A 124 -8.56 16.37 -6.22
C ILE A 124 -9.49 15.23 -6.63
N ILE A 125 -10.80 15.48 -6.60
CA ILE A 125 -11.76 14.43 -6.96
C ILE A 125 -11.65 14.10 -8.45
N GLU A 126 -11.44 15.11 -9.30
CA GLU A 126 -11.27 14.84 -10.72
C GLU A 126 -10.00 14.05 -11.00
N PHE A 127 -8.96 14.28 -10.20
CA PHE A 127 -7.70 13.56 -10.36
C PHE A 127 -7.88 12.09 -9.98
N SER A 128 -8.56 11.82 -8.87
CA SER A 128 -8.81 10.44 -8.46
C SER A 128 -9.78 9.73 -9.38
N GLU A 129 -10.64 10.47 -10.11
CA GLU A 129 -11.63 9.91 -11.02
C GLU A 129 -12.66 9.05 -10.27
N LEU A 130 -12.90 9.34 -9.00
CA LEU A 130 -13.84 8.60 -8.17
C LEU A 130 -15.17 9.33 -8.00
N ASP A 131 -15.47 10.30 -8.88
CA ASP A 131 -16.63 11.18 -8.68
C ASP A 131 -17.90 10.36 -8.44
N ASP A 132 -18.00 9.19 -9.08
CA ASP A 132 -19.14 8.33 -8.86
C ASP A 132 -19.15 7.74 -7.44
N PHE A 133 -17.97 7.38 -6.93
CA PHE A 133 -17.85 6.67 -5.67
C PHE A 133 -17.43 7.55 -4.50
N ILE A 134 -17.19 8.85 -4.73
CA ILE A 134 -16.57 9.69 -3.70
C ILE A 134 -17.41 9.76 -2.43
N ASN A 135 -18.74 9.84 -2.55
CA ASN A 135 -19.57 9.86 -1.34
C ASN A 135 -19.53 8.55 -0.59
N LYS A 136 -19.28 7.44 -1.28
CA LYS A 136 -19.31 6.15 -0.62
C LYS A 136 -18.20 6.09 0.43
N PRO A 137 -18.39 5.34 1.52
CA PRO A 137 -17.36 5.28 2.55
C PRO A 137 -16.17 4.43 2.09
N LEU A 138 -15.00 4.73 2.68
CA LEU A 138 -13.74 4.13 2.23
C LEU A 138 -13.72 2.62 2.36
N LYS A 139 -14.44 2.07 3.34
CA LYS A 139 -14.38 0.62 3.58
C LYS A 139 -14.78 -0.17 2.34
N THR A 140 -15.74 0.34 1.56
CA THR A 140 -16.14 -0.31 0.32
C THR A 140 -15.11 -0.21 -0.81
N TYR A 141 -14.21 0.78 -0.76
CA TYR A 141 -13.27 1.02 -1.85
C TYR A 141 -12.32 -0.15 -2.01
N SER A 142 -11.92 -0.41 -3.26
CA SER A 142 -10.87 -1.40 -3.46
C SER A 142 -9.53 -0.81 -3.08
N SER A 143 -8.57 -1.69 -2.79
CA SER A 143 -7.22 -1.27 -2.43
C SER A 143 -6.63 -0.33 -3.48
N GLY A 144 -6.90 -0.60 -4.76
CA GLY A 144 -6.47 0.33 -5.81
C GLY A 144 -7.07 1.71 -5.66
N MET A 145 -8.38 1.77 -5.40
CA MET A 145 -9.07 3.05 -5.26
C MET A 145 -8.48 3.87 -4.12
N ILE A 146 -8.16 3.22 -2.99
CA ILE A 146 -7.60 3.93 -1.85
C ILE A 146 -6.28 4.56 -2.21
N MET A 147 -5.41 3.81 -2.90
CA MET A 147 -4.13 4.37 -3.32
C MET A 147 -4.36 5.56 -4.25
N ARG A 148 -5.29 5.40 -5.18
CA ARG A 148 -5.61 6.49 -6.10
C ARG A 148 -6.05 7.73 -5.34
N LEU A 149 -6.90 7.55 -4.34
CA LEU A 149 -7.37 8.67 -3.53
C LEU A 149 -6.23 9.32 -2.76
N ALA A 150 -5.43 8.51 -2.07
CA ALA A 150 -4.35 9.06 -1.25
C ALA A 150 -3.33 9.80 -2.10
N PHE A 151 -3.05 9.28 -3.30
CA PHE A 151 -2.19 9.99 -4.23
C PHE A 151 -2.76 11.36 -4.60
N SER A 152 -4.07 11.41 -4.86
CA SER A 152 -4.70 12.65 -5.30
C SER A 152 -4.63 13.73 -4.22
N ILE A 153 -4.90 13.35 -2.97
CA ILE A 153 -4.76 14.30 -1.87
C ILE A 153 -3.32 14.75 -1.74
N ALA A 154 -2.40 13.78 -1.75
CA ALA A 154 -1.00 14.09 -1.51
C ALA A 154 -0.41 14.91 -2.65
N ILE A 155 -0.73 14.58 -3.89
CA ILE A 155 -0.11 15.28 -5.00
C ILE A 155 -0.58 16.74 -5.05
N HIS A 156 -1.74 17.04 -4.47
CA HIS A 156 -2.25 18.41 -4.52
C HIS A 156 -1.90 19.26 -3.30
N THR A 157 -1.35 18.67 -2.24
CA THR A 157 -1.04 19.48 -1.06
C THR A 157 0.07 20.50 -1.32
N GLU A 158 0.72 20.43 -2.46
CA GLU A 158 1.73 21.41 -2.81
C GLU A 158 2.83 21.47 -1.75
N PRO A 159 3.39 20.34 -1.32
CA PRO A 159 4.50 20.40 -0.38
C PRO A 159 5.77 20.83 -1.08
N GLU A 160 6.73 21.29 -0.29
CA GLU A 160 7.98 21.71 -0.91
C GLU A 160 8.76 20.52 -1.45
N CYS A 161 8.69 19.37 -0.77
CA CYS A 161 9.43 18.20 -1.20
C CYS A 161 8.54 16.98 -1.23
N PHE A 162 8.79 16.11 -2.20
CA PHE A 162 8.11 14.84 -2.35
C PHE A 162 9.12 13.71 -2.23
N ILE A 163 8.77 12.70 -1.44
CA ILE A 163 9.58 11.49 -1.30
C ILE A 163 8.90 10.42 -2.14
N ILE A 164 9.61 9.91 -3.13
CA ILE A 164 9.05 8.95 -4.08
C ILE A 164 9.88 7.69 -4.00
N ASP A 165 9.38 6.70 -3.26
CA ASP A 165 9.91 5.36 -3.32
C ASP A 165 9.36 4.67 -4.58
N GLU A 166 10.12 3.72 -5.12
CA GLU A 166 9.67 3.03 -6.33
C GLU A 166 8.39 2.24 -6.07
N ALA A 167 8.15 1.81 -4.83
CA ALA A 167 6.89 1.13 -4.53
C ALA A 167 5.68 2.01 -4.81
N LEU A 168 5.84 3.33 -4.70
CA LEU A 168 4.80 4.26 -5.07
C LEU A 168 4.52 4.18 -6.58
N ALA A 169 3.33 4.64 -6.97
CA ALA A 169 2.84 4.72 -8.36
C ALA A 169 2.35 3.39 -8.91
N VAL A 170 2.26 2.35 -8.06
CA VAL A 170 1.76 1.05 -8.50
C VAL A 170 0.28 1.15 -8.86
N GLY A 171 -0.13 0.37 -9.86
CA GLY A 171 -1.54 0.37 -10.27
C GLY A 171 -1.95 1.61 -11.03
N ASP A 172 -1.14 2.04 -12.00
CA ASP A 172 -1.37 3.28 -12.73
C ASP A 172 -1.97 2.95 -14.10
N ALA A 173 -3.31 2.97 -14.18
CA ALA A 173 -4.00 2.87 -15.47
C ALA A 173 -3.88 4.23 -16.17
N HIS A 174 -2.67 4.50 -16.64
CA HIS A 174 -2.10 5.78 -17.06
C HIS A 174 -2.09 6.79 -15.91
N PHE A 175 -2.62 6.42 -14.72
CA PHE A 175 -2.67 7.32 -13.57
C PHE A 175 -1.32 7.91 -13.26
N GLN A 176 -0.24 7.15 -13.49
CA GLN A 176 1.10 7.67 -13.25
C GLN A 176 1.40 8.89 -14.10
N GLN A 177 0.89 8.90 -15.34
CA GLN A 177 1.13 10.05 -16.21
C GLN A 177 0.52 11.32 -15.64
N LYS A 178 -0.71 11.24 -15.11
CA LYS A 178 -1.29 12.39 -14.44
C LYS A 178 -0.50 12.75 -13.18
N CYS A 179 -0.05 11.74 -12.42
CA CYS A 179 0.85 12.00 -11.29
C CYS A 179 2.18 12.56 -11.76
N PHE A 180 2.72 12.00 -12.84
CA PHE A 180 4.00 12.47 -13.37
C PHE A 180 3.90 13.89 -13.91
N ARG A 181 2.79 14.21 -14.59
CA ARG A 181 2.60 15.55 -15.14
C ARG A 181 2.54 16.60 -14.03
N LYS A 182 1.87 16.29 -12.91
CA LYS A 182 1.85 17.21 -11.78
C LYS A 182 3.24 17.36 -11.17
N LEU A 183 4.02 16.27 -11.17
CA LEU A 183 5.40 16.34 -10.68
C LEU A 183 6.26 17.30 -11.51
N LYS A 184 6.09 17.30 -12.84
CA LYS A 184 6.77 18.32 -13.65
C LYS A 184 6.32 19.72 -13.25
N GLU A 185 5.01 19.91 -13.06
CA GLU A 185 4.51 21.17 -12.53
C GLU A 185 5.10 21.47 -11.16
N HIS A 186 5.24 20.46 -10.31
CA HIS A 186 5.81 20.67 -8.99
C HIS A 186 7.28 21.10 -9.08
N LYS A 187 8.06 20.43 -9.94
CA LYS A 187 9.46 20.76 -10.11
C LYS A 187 9.63 22.18 -10.64
N GLN A 188 8.80 22.58 -11.61
CA GLN A 188 8.89 23.94 -12.15
C GLN A 188 8.60 24.99 -11.09
N LYS A 189 7.73 24.67 -10.14
CA LYS A 189 7.32 25.59 -9.09
C LYS A 189 8.29 25.62 -7.92
N GLY A 190 9.52 25.15 -8.09
CA GLY A 190 10.49 25.14 -7.01
C GLY A 190 10.42 23.92 -6.11
N GLY A 191 9.60 22.94 -6.44
CA GLY A 191 9.54 21.74 -5.63
C GLY A 191 10.82 20.92 -5.72
N SER A 192 11.08 20.14 -4.70
CA SER A 192 12.19 19.22 -4.64
C SER A 192 11.66 17.80 -4.51
N ILE A 193 12.29 16.84 -5.19
CA ILE A 193 11.84 15.45 -5.16
C ILE A 193 12.99 14.57 -4.71
N ILE A 194 12.66 13.57 -3.88
CA ILE A 194 13.61 12.58 -3.41
C ILE A 194 13.18 11.24 -3.98
N PHE A 195 14.11 10.55 -4.65
CA PHE A 195 13.82 9.32 -5.37
C PHE A 195 14.54 8.17 -4.69
N VAL A 196 13.76 7.20 -4.22
CA VAL A 196 14.30 6.01 -3.56
C VAL A 196 13.93 4.82 -4.43
N SER A 197 14.93 4.20 -5.04
CA SER A 197 14.75 3.06 -5.93
C SER A 197 16.10 2.41 -6.13
N HIS A 198 16.07 1.17 -6.62
CA HIS A 198 17.27 0.42 -6.92
C HIS A 198 17.59 0.39 -8.42
N ASP A 199 16.85 1.15 -9.22
CA ASP A 199 17.09 1.24 -10.67
C ASP A 199 18.01 2.44 -10.90
N MET A 200 19.30 2.15 -11.10
CA MET A 200 20.25 3.21 -11.39
C MET A 200 19.93 3.91 -12.71
N ASN A 201 19.54 3.14 -13.73
CA ASN A 201 19.19 3.73 -15.01
C ASN A 201 18.06 4.74 -14.86
N ALA A 202 17.09 4.44 -13.99
CA ALA A 202 16.03 5.39 -13.69
C ALA A 202 16.61 6.67 -13.09
N VAL A 203 17.66 6.54 -12.28
CA VAL A 203 18.25 7.73 -11.65
C VAL A 203 18.76 8.69 -12.71
N LYS A 204 19.49 8.19 -13.72
CA LYS A 204 20.05 9.09 -14.74
C LYS A 204 18.93 9.79 -15.50
N ILE A 205 17.83 9.08 -15.75
CA ILE A 205 16.73 9.64 -16.53
C ILE A 205 16.04 10.77 -15.78
N LEU A 206 15.77 10.55 -14.49
CA LEU A 206 14.94 11.45 -13.71
C LEU A 206 15.72 12.41 -12.83
N CYS A 207 16.89 12.00 -12.32
CA CYS A 207 17.56 12.71 -11.24
C CYS A 207 18.56 13.72 -11.77
N ASP A 208 18.48 14.95 -11.27
CA ASP A 208 19.48 15.96 -11.61
C ASP A 208 20.81 15.67 -10.93
N ARG A 209 20.77 15.16 -9.70
CA ARG A 209 21.95 14.65 -9.00
C ARG A 209 21.48 13.62 -7.99
N ALA A 210 22.44 12.87 -7.43
CA ALA A 210 22.12 11.78 -6.52
C ALA A 210 23.23 11.64 -5.49
N ILE A 211 22.92 10.88 -4.43
CA ILE A 211 23.85 10.57 -3.34
C ILE A 211 23.76 9.09 -3.02
N LEU A 212 24.87 8.52 -2.53
CA LEU A 212 24.92 7.12 -2.10
C LEU A 212 25.20 7.05 -0.60
N LEU A 213 24.39 6.27 0.11
CA LEU A 213 24.41 6.19 1.57
C LEU A 213 24.90 4.82 2.03
N HIS A 214 25.88 4.80 2.95
CA HIS A 214 26.41 3.56 3.51
C HIS A 214 26.63 3.69 5.00
N LYS A 215 26.00 2.80 5.79
CA LYS A 215 26.21 2.70 7.24
C LYS A 215 26.15 4.07 7.92
N GLY A 216 25.17 4.88 7.52
CA GLY A 216 24.94 6.16 8.17
C GLY A 216 25.82 7.32 7.72
N GLU A 217 26.58 7.15 6.64
CA GLU A 217 27.40 8.24 6.12
C GLU A 217 27.34 8.24 4.60
N ILE A 218 27.55 9.41 4.02
CA ILE A 218 27.46 9.61 2.57
C ILE A 218 28.85 9.40 1.97
N ILE A 219 29.03 8.27 1.27
CA ILE A 219 30.35 7.95 0.72
C ILE A 219 30.67 8.83 -0.50
N GLU A 220 29.72 8.96 -1.42
CA GLU A 220 29.96 9.74 -2.63
C GLU A 220 28.69 10.49 -3.01
N GLU A 221 28.88 11.67 -3.57
CA GLU A 221 27.79 12.57 -3.93
C GLU A 221 28.14 13.26 -5.25
N GLY A 222 27.11 13.65 -5.98
CA GLY A 222 27.30 14.41 -7.21
C GLY A 222 26.37 14.02 -8.32
N SER A 223 26.88 14.05 -9.55
CA SER A 223 26.11 13.69 -10.72
C SER A 223 25.66 12.23 -10.61
N PRO A 224 24.48 11.90 -11.14
CA PRO A 224 24.00 10.51 -11.00
C PRO A 224 24.93 9.50 -11.64
N GLU A 225 25.63 9.91 -12.71
CA GLU A 225 26.60 9.02 -13.36
C GLU A 225 27.73 8.64 -12.41
N THR A 226 28.26 9.61 -11.67
CA THR A 226 29.34 9.31 -10.73
C THR A 226 28.85 8.43 -9.59
N VAL A 227 27.68 8.74 -9.03
CA VAL A 227 27.12 7.96 -7.92
C VAL A 227 26.76 6.55 -8.38
N THR A 228 26.16 6.42 -9.56
CA THR A 228 25.82 5.10 -10.09
C THR A 228 27.08 4.24 -10.25
N GLN A 229 28.19 4.87 -10.66
CA GLN A 229 29.46 4.16 -10.73
C GLN A 229 29.90 3.69 -9.35
N ALA A 230 29.82 4.57 -8.35
CA ALA A 230 30.26 4.23 -7.00
C ALA A 230 29.40 3.12 -6.40
N TYR A 231 28.08 3.17 -6.61
CA TYR A 231 27.21 2.12 -6.10
C TYR A 231 27.58 0.77 -6.73
N TYR A 232 27.89 0.77 -8.02
CA TYR A 232 28.30 -0.48 -8.66
C TYR A 232 29.62 -0.97 -8.09
N LYS A 233 30.54 -0.05 -7.75
CA LYS A 233 31.76 -0.45 -7.06
C LYS A 233 31.44 -1.15 -5.74
N LEU A 234 30.47 -0.62 -4.98
CA LEU A 234 30.03 -1.27 -3.75
C LEU A 234 29.31 -2.58 -4.06
N LYS A 235 28.45 -2.58 -5.08
CA LYS A 235 27.68 -3.76 -5.49
C LYS A 235 28.63 -4.88 -5.94
N ILE B 1 -13.86 -20.24 2.34
CA ILE B 1 -14.06 -21.42 1.52
C ILE B 1 -15.45 -21.39 0.88
N ARG B 2 -16.50 -21.35 1.69
CA ARG B 2 -17.87 -21.44 1.18
C ARG B 2 -18.64 -20.19 1.60
N VAL B 3 -19.21 -19.51 0.62
CA VAL B 3 -19.98 -18.30 0.82
C VAL B 3 -21.40 -18.57 0.34
N PHE B 4 -22.38 -18.42 1.22
CA PHE B 4 -23.77 -18.75 0.91
C PHE B 4 -24.68 -17.57 1.19
N ASP B 5 -25.35 -17.09 0.14
CA ASP B 5 -26.40 -16.07 0.23
C ASP B 5 -25.94 -14.86 1.05
N VAL B 6 -24.70 -14.43 0.82
CA VAL B 6 -24.15 -13.31 1.57
C VAL B 6 -24.68 -12.00 0.99
N TRP B 7 -25.03 -11.09 1.90
CA TRP B 7 -25.55 -9.76 1.59
C TRP B 7 -24.88 -8.77 2.52
N LYS B 8 -24.55 -7.60 2.00
CA LYS B 8 -23.85 -6.60 2.81
C LYS B 8 -24.33 -5.22 2.40
N LYS B 9 -24.66 -4.41 3.38
CA LYS B 9 -25.19 -3.07 3.14
C LYS B 9 -24.33 -2.05 3.86
N TYR B 10 -24.58 -0.78 3.56
CA TYR B 10 -23.85 0.32 4.17
C TYR B 10 -24.70 1.57 4.14
N LYS B 11 -24.40 2.50 5.03
CA LYS B 11 -25.04 3.82 5.02
C LYS B 11 -24.34 4.70 4.00
N TYR B 12 -25.11 5.50 3.27
CA TYR B 12 -24.58 6.31 2.18
C TYR B 12 -25.14 7.73 2.31
N TYR B 13 -24.49 8.55 3.13
CA TYR B 13 -24.92 9.95 3.30
C TYR B 13 -24.59 10.74 2.05
N LYS B 14 -25.61 11.38 1.47
CA LYS B 14 -25.43 12.14 0.24
C LYS B 14 -24.40 13.24 0.40
N LYS B 15 -24.59 14.10 1.41
CA LYS B 15 -23.65 15.15 1.77
C LYS B 15 -23.13 14.91 3.18
N PRO B 16 -21.86 15.21 3.45
CA PRO B 16 -21.37 15.11 4.84
C PRO B 16 -22.25 15.85 5.82
N GLN B 17 -22.84 16.98 5.40
CA GLN B 17 -23.78 17.71 6.23
C GLN B 17 -24.89 16.80 6.72
N ASP B 18 -25.45 15.97 5.83
CA ASP B 18 -26.63 15.18 6.15
C ASP B 18 -26.40 14.26 7.34
N ARG B 19 -25.13 13.92 7.62
CA ARG B 19 -24.81 13.16 8.81
C ARG B 19 -25.17 13.94 10.06
N LEU B 20 -25.05 15.28 10.01
CA LEU B 20 -25.52 16.13 11.10
C LEU B 20 -27.04 16.14 11.19
N LYS B 21 -27.70 16.43 10.08
CA LYS B 21 -29.15 16.62 10.07
C LYS B 21 -29.89 15.43 10.66
N GLU B 22 -29.35 14.23 10.48
CA GLU B 22 -29.99 13.04 11.04
C GLU B 22 -29.92 13.03 12.55
N ILE B 23 -28.95 13.73 13.13
CA ILE B 23 -28.89 13.89 14.58
C ILE B 23 -29.99 14.84 15.06
N ILE B 24 -30.19 15.94 14.33
CA ILE B 24 -31.17 16.96 14.71
C ILE B 24 -32.56 16.39 14.68
N PHE B 25 -32.99 15.94 13.51
CA PHE B 25 -34.36 15.52 13.25
C PHE B 25 -34.70 14.17 13.88
N ARG B 26 -33.71 13.46 14.43
CA ARG B 26 -33.85 12.13 15.02
C ARG B 26 -34.17 11.07 13.97
N LYS B 27 -34.06 11.38 12.68
CA LYS B 27 -34.44 10.49 11.59
C LYS B 27 -33.26 10.23 10.65
N PRO B 28 -33.27 9.13 9.87
CA PRO B 28 -32.00 8.55 9.38
C PRO B 28 -31.21 9.39 8.39
N PHE B 29 -31.86 9.99 7.38
CA PHE B 29 -31.20 10.89 6.42
C PHE B 29 -29.99 10.24 5.72
N HIS B 30 -30.02 8.92 5.51
CA HIS B 30 -28.95 8.25 4.76
C HIS B 30 -29.56 7.44 3.63
N GLU B 31 -28.70 6.84 2.82
CA GLU B 31 -29.09 5.91 1.78
C GLU B 31 -28.51 4.53 2.12
N GLU B 32 -29.34 3.50 2.00
CA GLU B 32 -28.91 2.12 2.21
C GLU B 32 -28.65 1.47 0.87
N LEU B 33 -27.41 1.07 0.64
CA LEU B 33 -27.01 0.39 -0.58
C LEU B 33 -26.36 -0.94 -0.23
N TRP B 34 -26.54 -1.93 -1.09
CA TRP B 34 -26.03 -3.27 -0.84
C TRP B 34 -24.79 -3.54 -1.68
N VAL B 35 -23.65 -3.70 -1.01
CA VAL B 35 -22.41 -3.96 -1.73
C VAL B 35 -22.49 -5.31 -2.41
N LEU B 36 -23.04 -6.31 -1.73
CA LEU B 36 -23.11 -7.68 -2.22
C LEU B 36 -24.55 -8.17 -2.21
N LYS B 37 -25.01 -8.68 -3.36
CA LYS B 37 -26.37 -9.20 -3.51
C LYS B 37 -26.30 -10.61 -4.07
N GLY B 38 -26.85 -11.58 -3.33
CA GLY B 38 -26.88 -12.95 -3.78
C GLY B 38 -25.53 -13.55 -4.14
N ILE B 39 -24.55 -13.38 -3.27
CA ILE B 39 -23.22 -13.94 -3.51
C ILE B 39 -23.21 -15.36 -2.98
N ASN B 40 -23.09 -16.32 -3.90
CA ASN B 40 -22.91 -17.73 -3.60
C ASN B 40 -21.60 -18.15 -4.25
N LEU B 41 -20.68 -18.69 -3.45
CA LEU B 41 -19.36 -19.01 -3.98
C LEU B 41 -18.77 -20.18 -3.20
N GLU B 42 -17.87 -20.90 -3.86
CA GLU B 42 -17.14 -22.02 -3.27
C GLU B 42 -15.68 -21.88 -3.65
N ILE B 43 -14.79 -22.09 -2.68
CA ILE B 43 -13.35 -22.12 -2.92
C ILE B 43 -12.85 -23.51 -2.56
N GLU B 44 -12.30 -24.20 -3.55
CA GLU B 44 -11.77 -25.54 -3.36
C GLU B 44 -10.30 -25.45 -3.00
N LYS B 45 -9.87 -26.28 -2.05
CA LYS B 45 -8.45 -26.34 -1.70
C LYS B 45 -7.66 -26.75 -2.93
N GLY B 46 -6.52 -26.07 -3.14
CA GLY B 46 -5.74 -26.33 -4.34
C GLY B 46 -6.25 -25.63 -5.58
N GLU B 47 -6.94 -24.49 -5.42
CA GLU B 47 -7.54 -23.76 -6.52
C GLU B 47 -6.96 -22.36 -6.57
N VAL B 48 -6.76 -21.84 -7.77
CA VAL B 48 -6.41 -20.44 -7.97
C VAL B 48 -7.62 -19.79 -8.63
N LEU B 49 -8.32 -18.95 -7.89
CA LEU B 49 -9.59 -18.37 -8.33
C LEU B 49 -9.36 -16.88 -8.56
N GLY B 50 -9.83 -16.38 -9.70
CA GLY B 50 -9.64 -14.99 -10.07
C GLY B 50 -10.94 -14.22 -9.88
N ILE B 51 -10.84 -13.09 -9.21
CA ILE B 51 -11.97 -12.21 -9.00
C ILE B 51 -11.71 -10.95 -9.79
N VAL B 52 -12.50 -10.74 -10.84
CA VAL B 52 -12.32 -9.62 -11.76
C VAL B 52 -13.63 -8.87 -11.79
N GLY B 53 -13.55 -7.56 -11.96
CA GLY B 53 -14.72 -6.76 -12.11
C GLY B 53 -14.42 -5.28 -12.01
N PRO B 54 -15.45 -4.47 -12.21
CA PRO B 54 -15.31 -3.04 -11.95
C PRO B 54 -15.02 -2.79 -10.48
N ASN B 55 -14.39 -1.65 -10.21
CA ASN B 55 -14.00 -1.32 -8.84
C ASN B 55 -15.21 -1.29 -7.90
N GLY B 56 -16.35 -0.80 -8.39
CA GLY B 56 -17.58 -0.72 -7.62
C GLY B 56 -18.29 -2.04 -7.42
N ALA B 57 -17.86 -3.10 -8.11
CA ALA B 57 -18.56 -4.39 -8.02
C ALA B 57 -18.65 -4.89 -6.59
N GLY B 58 -17.70 -4.53 -5.74
CA GLY B 58 -17.70 -4.94 -4.37
C GLY B 58 -16.65 -5.97 -4.02
N LYS B 59 -15.60 -6.10 -4.82
CA LYS B 59 -14.60 -7.12 -4.56
C LYS B 59 -13.98 -6.93 -3.17
N SER B 60 -13.62 -5.69 -2.83
CA SER B 60 -12.96 -5.46 -1.54
C SER B 60 -13.85 -5.86 -0.39
N THR B 61 -15.12 -5.44 -0.43
CA THR B 61 -16.06 -5.82 0.62
C THR B 61 -16.27 -7.34 0.64
N LEU B 62 -16.30 -7.96 -0.54
CA LEU B 62 -16.45 -9.42 -0.61
C LEU B 62 -15.23 -10.13 -0.02
N LEU B 63 -14.02 -9.68 -0.39
CA LEU B 63 -12.81 -10.30 0.15
C LEU B 63 -12.75 -10.16 1.66
N LYS B 64 -13.19 -9.01 2.17
CA LYS B 64 -13.17 -8.75 3.60
C LYS B 64 -14.12 -9.68 4.36
N VAL B 65 -15.27 -10.05 3.78
CA VAL B 65 -16.15 -11.00 4.48
C VAL B 65 -15.50 -12.37 4.58
N ILE B 66 -14.75 -12.76 3.53
CA ILE B 66 -14.07 -14.04 3.52
C ILE B 66 -12.97 -14.08 4.58
N THR B 67 -12.12 -13.04 4.61
CA THR B 67 -11.01 -12.99 5.56
C THR B 67 -11.50 -12.95 7.00
N GLY B 68 -12.73 -12.49 7.23
CA GLY B 68 -13.34 -12.48 8.55
C GLY B 68 -13.36 -11.14 9.24
N VAL B 69 -12.87 -10.08 8.60
CA VAL B 69 -12.88 -8.77 9.25
C VAL B 69 -14.29 -8.20 9.33
N THR B 70 -15.15 -8.49 8.36
CA THR B 70 -16.53 -8.01 8.35
C THR B 70 -17.51 -9.18 8.35
N GLU B 71 -18.58 -9.03 9.12
CA GLU B 71 -19.67 -10.00 9.24
C GLU B 71 -20.78 -9.69 8.24
N PRO B 72 -21.30 -10.71 7.55
CA PRO B 72 -22.37 -10.47 6.59
C PRO B 72 -23.68 -10.07 7.26
N ASP B 73 -24.34 -9.07 6.66
CA ASP B 73 -25.65 -8.63 7.17
C ASP B 73 -26.70 -9.72 6.99
N LYS B 74 -26.66 -10.41 5.84
CA LYS B 74 -27.56 -11.52 5.56
C LYS B 74 -26.73 -12.65 4.96
N GLY B 75 -27.10 -13.88 5.29
CA GLY B 75 -26.33 -15.02 4.84
C GLY B 75 -25.16 -15.33 5.75
N PHE B 76 -24.39 -16.34 5.35
CA PHE B 76 -23.30 -16.82 6.17
C PHE B 76 -22.14 -17.23 5.28
N VAL B 77 -20.95 -17.27 5.90
CA VAL B 77 -19.74 -17.74 5.26
C VAL B 77 -19.08 -18.73 6.21
N GLU B 78 -18.66 -19.88 5.68
CA GLU B 78 -17.97 -20.89 6.45
C GLU B 78 -16.60 -21.15 5.82
N ARG B 79 -15.54 -21.07 6.64
CA ARG B 79 -14.17 -21.32 6.19
C ARG B 79 -13.52 -22.37 7.09
N SER B 80 -12.76 -23.28 6.47
CA SER B 80 -12.06 -24.31 7.25
C SER B 80 -10.90 -23.74 8.04
N GLY B 81 -10.18 -22.76 7.47
CA GLY B 81 -9.01 -22.18 8.10
C GLY B 81 -8.89 -20.69 7.82
N LYS B 82 -7.85 -20.09 8.39
CA LYS B 82 -7.62 -18.65 8.26
C LYS B 82 -7.25 -18.26 6.82
N VAL B 83 -7.54 -17.01 6.47
CA VAL B 83 -7.18 -16.43 5.17
C VAL B 83 -6.34 -15.19 5.42
N VAL B 84 -5.24 -15.05 4.66
CA VAL B 84 -4.30 -13.95 4.81
C VAL B 84 -4.48 -12.97 3.65
N GLY B 85 -4.65 -11.69 3.98
CA GLY B 85 -4.83 -10.64 3.01
C GLY B 85 -4.02 -9.40 3.39
N LEU B 86 -4.13 -8.37 2.56
CA LEU B 86 -3.33 -7.15 2.75
C LEU B 86 -3.54 -6.51 4.13
N LEU B 87 -4.78 -6.47 4.61
CA LEU B 87 -5.05 -5.92 5.95
C LEU B 87 -4.32 -6.72 7.02
N GLU B 88 -4.26 -8.03 6.85
CA GLU B 88 -3.61 -8.91 7.82
C GLU B 88 -2.09 -8.74 7.79
N LEU B 89 -1.52 -8.49 6.62
CA LEU B 89 -0.07 -8.35 6.49
C LEU B 89 0.46 -7.30 7.46
N GLY B 90 1.40 -7.72 8.31
CA GLY B 90 1.95 -6.78 9.28
C GLY B 90 0.96 -6.23 10.27
N THR B 91 -0.15 -6.93 10.50
CA THR B 91 -1.14 -6.44 11.44
C THR B 91 -0.57 -6.46 12.85
N GLY B 92 -0.89 -5.42 13.62
CA GLY B 92 -0.45 -5.34 15.00
C GLY B 92 1.00 -4.96 15.19
N PHE B 93 1.71 -4.63 14.12
CA PHE B 93 3.11 -4.24 14.25
C PHE B 93 3.23 -2.99 15.11
N ASN B 94 4.24 -2.97 15.97
CA ASN B 94 4.59 -1.77 16.73
C ASN B 94 6.05 -1.45 16.40
N TYR B 95 6.27 -0.26 15.83
CA TYR B 95 7.58 0.07 15.28
C TYR B 95 8.64 0.26 16.37
N GLU B 96 8.24 0.69 17.56
CA GLU B 96 9.18 0.81 18.67
C GLU B 96 9.79 -0.54 19.04
N LEU B 97 9.02 -1.62 18.91
CA LEU B 97 9.50 -2.96 19.21
C LEU B 97 10.53 -3.41 18.18
N SER B 98 11.34 -4.40 18.55
CA SER B 98 12.34 -4.93 17.64
C SER B 98 11.69 -5.72 16.52
N GLY B 99 12.45 -5.91 15.44
CA GLY B 99 11.96 -6.72 14.34
C GLY B 99 11.64 -8.14 14.78
N LEU B 100 12.52 -8.72 15.60
CA LEU B 100 12.26 -10.05 16.13
C LEU B 100 11.07 -10.06 17.06
N GLU B 101 10.95 -9.05 17.93
CA GLU B 101 9.82 -8.97 18.84
C GLU B 101 8.50 -8.82 18.09
N ASN B 102 8.49 -7.97 17.06
CA ASN B 102 7.28 -7.72 16.29
C ASN B 102 6.77 -8.99 15.63
N ILE B 103 7.67 -9.91 15.30
CA ILE B 103 7.27 -11.18 14.70
C ILE B 103 6.27 -11.90 15.59
N TYR B 104 6.52 -11.88 16.91
CA TYR B 104 5.70 -12.66 17.84
C TYR B 104 4.26 -12.19 17.87
N VAL B 105 4.05 -10.86 17.95
CA VAL B 105 2.68 -10.36 18.06
C VAL B 105 1.90 -10.61 16.76
N ASN B 106 2.56 -10.48 15.60
CA ASN B 106 1.89 -10.73 14.34
C ASN B 106 1.43 -12.17 14.22
N ALA B 107 2.32 -13.11 14.54
CA ALA B 107 1.95 -14.52 14.48
C ALA B 107 0.92 -14.87 15.55
N SER B 108 1.05 -14.29 16.74
CA SER B 108 0.04 -14.54 17.78
C SER B 108 -1.33 -14.00 17.37
N LEU B 109 -1.37 -12.81 16.76
CA LEU B 109 -2.63 -12.31 16.22
C LEU B 109 -3.11 -13.13 15.03
N LEU B 110 -2.20 -13.64 14.20
CA LEU B 110 -2.59 -14.48 13.08
C LEU B 110 -2.91 -15.92 13.51
N GLY B 111 -2.82 -16.23 14.81
CA GLY B 111 -3.22 -17.52 15.35
C GLY B 111 -2.12 -18.55 15.54
N LEU B 112 -0.89 -18.25 15.15
CA LEU B 112 0.20 -19.20 15.35
C LEU B 112 0.56 -19.34 16.82
N SER B 113 0.81 -20.58 17.24
CA SER B 113 1.14 -20.87 18.64
C SER B 113 2.60 -20.54 18.94
N ARG B 114 2.88 -20.41 20.24
CA ARG B 114 4.25 -20.16 20.68
C ARG B 114 5.19 -21.25 20.18
N ARG B 115 4.75 -22.52 20.27
CA ARG B 115 5.49 -23.63 19.69
C ARG B 115 5.55 -23.51 18.17
N GLU B 116 4.43 -23.14 17.55
CA GLU B 116 4.37 -23.04 16.10
C GLU B 116 5.34 -21.98 15.59
N ILE B 117 5.45 -20.86 16.30
CA ILE B 117 6.36 -19.78 15.90
C ILE B 117 7.79 -20.28 15.85
N ASP B 118 8.20 -21.04 16.88
CA ASP B 118 9.59 -21.45 17.03
C ASP B 118 10.04 -22.42 15.95
N GLU B 119 9.20 -23.37 15.55
CA GLU B 119 9.62 -24.36 14.55
C GLU B 119 10.00 -23.70 13.22
N LYS B 120 9.19 -22.75 12.77
CA LYS B 120 9.41 -22.07 11.49
C LYS B 120 10.18 -20.77 11.64
N LEU B 121 10.51 -20.36 12.86
CA LEU B 121 11.20 -19.11 13.12
C LEU B 121 12.51 -19.02 12.37
N GLU B 122 13.26 -20.13 12.30
CA GLU B 122 14.56 -20.12 11.61
C GLU B 122 14.40 -19.80 10.12
N SER B 123 13.50 -20.50 9.43
CA SER B 123 13.35 -20.27 8.00
C SER B 123 12.80 -18.88 7.71
N ILE B 124 11.86 -18.39 8.54
CA ILE B 124 11.23 -17.09 8.29
C ILE B 124 12.25 -15.96 8.32
N ILE B 125 13.13 -15.95 9.33
CA ILE B 125 14.15 -14.92 9.42
C ILE B 125 15.13 -15.07 8.25
N GLU B 126 15.47 -16.31 7.90
CA GLU B 126 16.27 -16.57 6.70
C GLU B 126 15.50 -16.22 5.44
N PHE B 127 14.17 -16.36 5.46
CA PHE B 127 13.36 -15.97 4.30
C PHE B 127 13.37 -14.46 4.10
N SER B 128 13.24 -13.69 5.19
CA SER B 128 13.23 -12.24 5.08
C SER B 128 14.58 -11.69 4.65
N GLU B 129 15.66 -12.47 4.83
CA GLU B 129 17.02 -12.09 4.51
C GLU B 129 17.50 -10.94 5.38
N LEU B 130 16.85 -10.76 6.53
CA LEU B 130 17.16 -9.72 7.51
C LEU B 130 17.86 -10.41 8.67
N ASP B 131 19.16 -10.17 8.82
CA ASP B 131 19.98 -10.96 9.72
C ASP B 131 20.49 -10.17 10.92
N ASP B 132 21.26 -9.11 10.69
CA ASP B 132 21.65 -8.28 11.82
C ASP B 132 20.51 -7.38 12.25
N PHE B 133 19.68 -6.93 11.29
CA PHE B 133 18.61 -5.99 11.63
C PHE B 133 17.49 -6.64 12.42
N ILE B 134 17.48 -7.97 12.55
CA ILE B 134 16.36 -8.63 13.22
C ILE B 134 16.32 -8.21 14.69
N ASN B 135 17.48 -8.01 15.30
CA ASN B 135 17.55 -7.48 16.66
C ASN B 135 17.04 -6.04 16.71
N LYS B 136 17.26 -5.29 15.64
CA LYS B 136 16.98 -3.86 15.58
C LYS B 136 15.48 -3.56 15.56
N PRO B 137 15.07 -2.41 16.08
CA PRO B 137 13.65 -2.05 16.09
C PRO B 137 13.14 -1.68 14.70
N LEU B 138 11.81 -1.82 14.53
CA LEU B 138 11.19 -1.63 13.22
C LEU B 138 11.39 -0.24 12.66
N LYS B 139 11.51 0.77 13.54
CA LYS B 139 11.60 2.16 13.06
C LYS B 139 12.79 2.34 12.12
N THR B 140 13.91 1.66 12.38
CA THR B 140 15.05 1.74 11.49
C THR B 140 14.83 1.01 10.17
N TYR B 141 13.91 0.04 10.14
CA TYR B 141 13.70 -0.76 8.94
C TYR B 141 13.25 0.12 7.79
N SER B 142 13.72 -0.18 6.59
CA SER B 142 13.22 0.55 5.44
C SER B 142 11.82 0.05 5.08
N SER B 143 11.09 0.88 4.34
CA SER B 143 9.74 0.49 3.93
C SER B 143 9.76 -0.87 3.24
N GLY B 144 10.77 -1.11 2.41
CA GLY B 144 10.92 -2.42 1.80
C GLY B 144 11.14 -3.52 2.83
N MET B 145 12.04 -3.29 3.79
CA MET B 145 12.31 -4.27 4.84
C MET B 145 11.08 -4.58 5.67
N ILE B 146 10.28 -3.56 5.99
CA ILE B 146 9.07 -3.78 6.78
C ILE B 146 8.10 -4.65 5.99
N MET B 147 7.85 -4.29 4.72
CA MET B 147 7.00 -5.10 3.86
C MET B 147 7.61 -6.48 3.65
N ARG B 148 8.93 -6.53 3.43
CA ARG B 148 9.62 -7.81 3.27
C ARG B 148 9.42 -8.70 4.49
N LEU B 149 9.54 -8.12 5.69
CA LEU B 149 9.31 -8.90 6.91
C LEU B 149 7.86 -9.38 7.00
N ALA B 150 6.91 -8.47 6.77
CA ALA B 150 5.49 -8.82 6.94
C ALA B 150 5.07 -9.93 5.98
N PHE B 151 5.55 -9.89 4.74
CA PHE B 151 5.28 -10.99 3.81
C PHE B 151 5.82 -12.31 4.36
N SER B 152 7.02 -12.29 4.94
CA SER B 152 7.68 -13.51 5.38
C SER B 152 6.87 -14.23 6.46
N ILE B 153 6.39 -13.48 7.44
CA ILE B 153 5.59 -14.08 8.52
C ILE B 153 4.30 -14.66 7.97
N ALA B 154 3.62 -13.89 7.13
CA ALA B 154 2.32 -14.30 6.60
C ALA B 154 2.45 -15.48 5.64
N ILE B 155 3.49 -15.49 4.80
CA ILE B 155 3.56 -16.50 3.74
C ILE B 155 3.72 -17.91 4.32
N HIS B 156 4.32 -18.02 5.50
CA HIS B 156 4.58 -19.34 6.08
C HIS B 156 3.57 -19.78 7.14
N THR B 157 2.60 -18.94 7.53
CA THR B 157 1.62 -19.39 8.52
C THR B 157 0.74 -20.51 7.98
N GLU B 158 0.83 -20.79 6.67
CA GLU B 158 0.15 -21.88 5.99
C GLU B 158 -1.37 -21.77 6.17
N PRO B 159 -1.97 -20.61 5.89
CA PRO B 159 -3.42 -20.50 5.98
C PRO B 159 -4.07 -21.25 4.82
N GLU B 160 -5.36 -21.52 4.95
CA GLU B 160 -6.04 -22.30 3.93
C GLU B 160 -6.05 -21.56 2.59
N CYS B 161 -6.21 -20.24 2.62
CA CYS B 161 -6.26 -19.47 1.39
C CYS B 161 -5.43 -18.20 1.52
N PHE B 162 -4.86 -17.77 0.39
CA PHE B 162 -4.15 -16.51 0.29
C PHE B 162 -4.91 -15.62 -0.68
N ILE B 163 -5.12 -14.37 -0.30
CA ILE B 163 -5.73 -13.38 -1.18
C ILE B 163 -4.63 -12.47 -1.69
N ILE B 164 -4.45 -12.47 -3.01
CA ILE B 164 -3.37 -11.75 -3.66
C ILE B 164 -4.01 -10.76 -4.63
N ASP B 165 -4.08 -9.48 -4.23
CA ASP B 165 -4.36 -8.44 -5.21
C ASP B 165 -3.08 -8.21 -6.00
N GLU B 166 -3.25 -7.85 -7.28
CA GLU B 166 -2.07 -7.70 -8.13
C GLU B 166 -1.18 -6.55 -7.69
N ALA B 167 -1.77 -5.47 -7.18
CA ALA B 167 -0.93 -4.38 -6.66
C ALA B 167 -0.11 -4.85 -5.47
N LEU B 168 -0.64 -5.80 -4.69
CA LEU B 168 0.12 -6.40 -3.61
C LEU B 168 1.26 -7.23 -4.19
N ALA B 169 2.29 -7.46 -3.35
CA ALA B 169 3.48 -8.26 -3.62
C ALA B 169 4.44 -7.51 -4.54
N VAL B 170 4.17 -6.25 -4.85
CA VAL B 170 5.10 -5.47 -5.66
C VAL B 170 6.37 -5.26 -4.86
N GLY B 171 7.51 -5.32 -5.53
CA GLY B 171 8.78 -5.15 -4.84
C GLY B 171 9.91 -5.76 -5.63
N ASP B 172 10.95 -6.16 -4.90
CA ASP B 172 12.09 -6.85 -5.49
C ASP B 172 11.62 -8.15 -6.14
N ALA B 173 11.68 -8.20 -7.47
CA ALA B 173 11.22 -9.35 -8.25
C ALA B 173 11.80 -10.67 -7.74
N HIS B 174 13.07 -10.65 -7.34
CA HIS B 174 13.68 -11.84 -6.76
C HIS B 174 12.97 -12.28 -5.49
N PHE B 175 12.56 -11.33 -4.64
CA PHE B 175 11.75 -11.71 -3.48
C PHE B 175 10.32 -12.05 -3.88
N GLN B 176 9.78 -11.34 -4.87
CA GLN B 176 8.44 -11.66 -5.37
C GLN B 176 8.41 -13.09 -5.90
N GLN B 177 9.50 -13.51 -6.57
CA GLN B 177 9.63 -14.90 -7.00
C GLN B 177 9.72 -15.85 -5.80
N LYS B 178 10.42 -15.44 -4.74
CA LYS B 178 10.45 -16.25 -3.52
C LYS B 178 9.05 -16.46 -2.98
N CYS B 179 8.22 -15.42 -3.01
CA CYS B 179 6.81 -15.56 -2.68
C CYS B 179 6.10 -16.41 -3.74
N PHE B 180 6.44 -16.20 -5.02
CA PHE B 180 5.82 -16.97 -6.09
C PHE B 180 6.15 -18.46 -5.96
N ARG B 181 7.40 -18.76 -5.62
CA ARG B 181 7.79 -20.17 -5.42
C ARG B 181 7.06 -20.79 -4.24
N LYS B 182 6.92 -20.03 -3.14
CA LYS B 182 6.23 -20.56 -1.97
C LYS B 182 4.73 -20.76 -2.23
N LEU B 183 4.11 -19.84 -2.98
CA LEU B 183 2.70 -20.02 -3.33
C LEU B 183 2.48 -21.27 -4.17
N LYS B 184 3.39 -21.54 -5.10
CA LYS B 184 3.34 -22.81 -5.82
C LYS B 184 3.48 -23.98 -4.85
N GLU B 185 4.42 -23.87 -3.90
CA GLU B 185 4.50 -24.86 -2.82
C GLU B 185 3.21 -24.88 -2.02
N HIS B 186 2.60 -23.71 -1.80
CA HIS B 186 1.34 -23.66 -1.06
C HIS B 186 0.24 -24.42 -1.81
N LYS B 187 0.13 -24.20 -3.12
CA LYS B 187 -0.88 -24.89 -3.91
C LYS B 187 -0.65 -26.41 -3.90
N GLN B 188 0.62 -26.84 -4.01
CA GLN B 188 0.92 -28.26 -3.99
C GLN B 188 0.53 -28.90 -2.67
N LYS B 189 0.64 -28.14 -1.57
CA LYS B 189 0.33 -28.62 -0.23
C LYS B 189 -1.15 -28.49 0.12
N GLY B 190 -2.02 -28.38 -0.90
CA GLY B 190 -3.43 -28.22 -0.67
C GLY B 190 -3.87 -26.78 -0.43
N GLY B 191 -2.95 -25.84 -0.56
CA GLY B 191 -3.31 -24.43 -0.41
C GLY B 191 -4.17 -23.93 -1.56
N SER B 192 -4.97 -22.91 -1.25
CA SER B 192 -5.82 -22.22 -2.21
C SER B 192 -5.39 -20.76 -2.28
N ILE B 193 -5.42 -20.19 -3.49
CA ILE B 193 -5.01 -18.82 -3.72
C ILE B 193 -6.12 -18.07 -4.45
N ILE B 194 -6.33 -16.80 -4.10
CA ILE B 194 -7.28 -15.92 -4.78
C ILE B 194 -6.51 -14.79 -5.45
N PHE B 195 -6.78 -14.59 -6.74
CA PHE B 195 -6.04 -13.65 -7.58
C PHE B 195 -6.97 -12.51 -7.95
N VAL B 196 -6.63 -11.29 -7.53
CA VAL B 196 -7.41 -10.09 -7.81
C VAL B 196 -6.57 -9.18 -8.66
N SER B 197 -7.03 -8.89 -9.88
CA SER B 197 -6.24 -8.08 -10.78
C SER B 197 -7.11 -7.55 -11.90
N HIS B 198 -6.59 -6.54 -12.60
CA HIS B 198 -7.17 -6.04 -13.84
C HIS B 198 -6.42 -6.54 -15.08
N ASP B 199 -5.44 -7.43 -14.89
CA ASP B 199 -4.71 -8.05 -16.00
C ASP B 199 -5.38 -9.36 -16.34
N MET B 200 -6.17 -9.36 -17.42
CA MET B 200 -6.81 -10.59 -17.87
C MET B 200 -5.78 -11.63 -18.25
N ASN B 201 -4.69 -11.21 -18.89
CA ASN B 201 -3.62 -12.13 -19.25
C ASN B 201 -3.04 -12.81 -18.01
N ALA B 202 -2.83 -12.04 -16.94
CA ALA B 202 -2.39 -12.64 -15.69
C ALA B 202 -3.44 -13.60 -15.12
N VAL B 203 -4.72 -13.22 -15.21
CA VAL B 203 -5.80 -14.07 -14.73
C VAL B 203 -5.86 -15.37 -15.53
N LYS B 204 -5.77 -15.26 -16.86
CA LYS B 204 -5.95 -16.43 -17.72
C LYS B 204 -4.87 -17.48 -17.49
N ILE B 205 -3.61 -17.06 -17.35
CA ILE B 205 -2.50 -18.00 -17.22
C ILE B 205 -2.48 -18.64 -15.82
N LEU B 206 -2.71 -17.87 -14.76
CA LEU B 206 -2.47 -18.37 -13.41
C LEU B 206 -3.70 -18.99 -12.75
N CYS B 207 -4.90 -18.57 -13.12
CA CYS B 207 -6.09 -18.95 -12.39
C CYS B 207 -6.68 -20.20 -13.03
N ASP B 208 -6.99 -21.20 -12.19
CA ASP B 208 -7.60 -22.43 -12.69
C ASP B 208 -9.02 -22.18 -13.18
N ARG B 209 -9.76 -21.30 -12.52
CA ARG B 209 -11.05 -20.82 -12.99
C ARG B 209 -11.27 -19.45 -12.35
N ALA B 210 -12.29 -18.74 -12.84
CA ALA B 210 -12.49 -17.37 -12.40
C ALA B 210 -13.98 -17.05 -12.31
N ILE B 211 -14.28 -15.93 -11.66
CA ILE B 211 -15.63 -15.43 -11.50
C ILE B 211 -15.60 -13.95 -11.87
N LEU B 212 -16.71 -13.47 -12.41
CA LEU B 212 -16.82 -12.05 -12.75
C LEU B 212 -17.86 -11.46 -11.83
N LEU B 213 -17.47 -10.42 -11.12
CA LEU B 213 -18.29 -9.81 -10.10
C LEU B 213 -18.69 -8.45 -10.64
N HIS B 214 -19.99 -8.19 -10.71
CA HIS B 214 -20.49 -6.91 -11.22
C HIS B 214 -21.71 -6.51 -10.39
N LYS B 215 -21.69 -5.28 -9.88
CA LYS B 215 -22.79 -4.72 -9.11
C LYS B 215 -23.21 -5.63 -7.95
N GLY B 216 -22.23 -6.22 -7.28
CA GLY B 216 -22.49 -7.02 -6.11
C GLY B 216 -22.96 -8.43 -6.35
N GLU B 217 -22.95 -8.89 -7.61
CA GLU B 217 -23.37 -10.25 -7.93
C GLU B 217 -22.45 -10.82 -9.00
N ILE B 218 -22.38 -12.14 -9.04
CA ILE B 218 -21.52 -12.85 -9.99
C ILE B 218 -22.33 -13.07 -11.25
N ILE B 219 -22.05 -12.27 -12.30
CA ILE B 219 -22.79 -12.41 -13.55
C ILE B 219 -22.33 -13.65 -14.31
N GLU B 220 -21.02 -13.89 -14.37
CA GLU B 220 -20.50 -15.09 -15.04
C GLU B 220 -19.35 -15.66 -14.24
N GLU B 221 -19.27 -16.98 -14.24
CA GLU B 221 -18.29 -17.75 -13.48
C GLU B 221 -17.89 -18.98 -14.29
N GLY B 222 -16.66 -19.44 -14.10
CA GLY B 222 -16.22 -20.63 -14.79
C GLY B 222 -14.81 -20.54 -15.31
N SER B 223 -14.56 -21.11 -16.48
CA SER B 223 -13.22 -21.09 -17.06
C SER B 223 -12.76 -19.65 -17.27
N PRO B 224 -11.46 -19.37 -17.11
CA PRO B 224 -10.99 -17.98 -17.22
C PRO B 224 -11.26 -17.36 -18.57
N GLU B 225 -11.25 -18.16 -19.65
CA GLU B 225 -11.53 -17.62 -20.98
C GLU B 225 -12.95 -17.07 -21.04
N THR B 226 -13.92 -17.81 -20.51
CA THR B 226 -15.30 -17.35 -20.55
C THR B 226 -15.51 -16.09 -19.69
N VAL B 227 -14.92 -16.07 -18.49
CA VAL B 227 -15.09 -14.91 -17.61
C VAL B 227 -14.41 -13.68 -18.18
N THR B 228 -13.17 -13.83 -18.67
CA THR B 228 -12.49 -12.70 -19.31
C THR B 228 -13.24 -12.24 -20.55
N GLN B 229 -13.82 -13.19 -21.30
CA GLN B 229 -14.72 -12.84 -22.40
C GLN B 229 -15.95 -12.11 -21.87
N ALA B 230 -16.53 -12.62 -20.77
CA ALA B 230 -17.70 -11.99 -20.17
C ALA B 230 -17.38 -10.59 -19.68
N TYR B 231 -16.19 -10.41 -19.09
CA TYR B 231 -15.79 -9.08 -18.64
C TYR B 231 -15.72 -8.11 -19.82
N TYR B 232 -15.25 -8.59 -20.98
CA TYR B 232 -15.24 -7.76 -22.20
C TYR B 232 -16.66 -7.45 -22.67
N LYS B 233 -17.55 -8.44 -22.65
CA LYS B 233 -18.95 -8.19 -23.01
C LYS B 233 -19.59 -7.18 -22.07
N LEU B 234 -19.23 -7.23 -20.78
CA LEU B 234 -19.76 -6.26 -19.82
C LEU B 234 -19.26 -4.85 -20.13
N LYS B 235 -17.97 -4.71 -20.47
CA LYS B 235 -17.42 -3.40 -20.79
C LYS B 235 -18.01 -2.79 -22.07
N LEU B 236 -18.57 -3.61 -22.96
CA LEU B 236 -19.19 -3.07 -24.18
C LEU B 236 -20.51 -2.39 -23.87
N HIS B 237 -21.36 -3.03 -23.06
CA HIS B 237 -22.74 -2.57 -22.84
C HIS B 237 -22.87 -1.63 -21.65
N HIS B 238 -21.84 -0.85 -21.34
CA HIS B 238 -21.91 0.13 -20.27
C HIS B 238 -21.81 1.55 -20.81
#